data_9FWI
#
_entry.id   9FWI
#
_cell.length_a   43.98
_cell.length_b   100.047
_cell.length_c   51.242
_cell.angle_alpha   90
_cell.angle_beta   114.79
_cell.angle_gamma   90
#
_symmetry.space_group_name_H-M   'P 1 21 1'
#
loop_
_entity.id
_entity.type
_entity.pdbx_description
1 polymer 'Non-structural protein 10'
2 polymer 'Guanine-N7 methyltransferase nsp14'
3 non-polymer (3-oxidanylazetidin-1-yl)-phenyl-methanone
4 non-polymer 'ZINC ION'
5 non-polymer 'DIMETHYL SULFOXIDE'
6 water water
#
loop_
_entity_poly.entity_id
_entity_poly.type
_entity_poly.pdbx_seq_one_letter_code
_entity_poly.pdbx_strand_id
1 'polypeptide(L)'
;AGNATEVPANSTVLSFCAFAVDAAKAYKDYLASGGQPITNCVKMLCTHTGTGQAITVTPEANMDQESFGGASCCLYCRCH
IDHPNPKGFCDLKGKYVQIPTTCANDPVGFTLKNTVCTVCGMWKGYGCSCD
;
A
2 'polypeptide(L)'
;MAENVTGLFKDCSKVITGLHPTQAPTHLSVDTKFKTEGLCVDIPGIPKDMTYRRLISMMGFKMNYQVNGYPNMFITREEA
IRHVRAWIGFDVEGCHATREAVGTNLPLQLGFSTGVNLVAVPTGYVDTPNNTDFSRVSAKPPPGDQFKHLIPLMYKGLPW
NVVRIKIVQMLSDTLKNLSDRVVFVLWAHGFELTSMKYFVKIGPERTCCLCDRRATCFSTASDTYACWHHSIGFDYVYNP
FMIDVQQWGFTGNLQSNHDLYCQVHGNAHVASCDAIMTRCLAVHECFVKR
;
B
#
# COMPACT_ATOMS: atom_id res chain seq x y z
N ALA A 1 -0.76 -15.67 12.43
CA ALA A 1 0.03 -16.38 11.41
C ALA A 1 0.84 -15.36 10.61
N GLY A 2 2.02 -15.76 10.19
CA GLY A 2 2.89 -14.87 9.43
C GLY A 2 4.02 -14.32 10.27
N ASN A 3 4.93 -13.57 9.62
CA ASN A 3 6.10 -13.01 10.25
C ASN A 3 6.24 -11.55 9.89
N ALA A 4 6.30 -10.67 10.89
CA ALA A 4 6.40 -9.25 10.61
C ALA A 4 7.67 -8.88 9.84
N THR A 5 7.54 -7.90 8.95
CA THR A 5 8.71 -7.33 8.30
C THR A 5 8.98 -5.92 8.78
N GLU A 6 7.96 -5.21 9.31
CA GLU A 6 8.12 -3.80 9.58
C GLU A 6 7.93 -3.37 11.03
N VAL A 7 8.43 -2.17 11.33
CA VAL A 7 8.34 -1.54 12.65
C VAL A 7 7.38 -0.36 12.60
N PRO A 8 6.78 0.00 13.74
CA PRO A 8 5.79 1.09 13.72
C PRO A 8 6.33 2.45 13.33
N ALA A 9 7.65 2.71 13.51
CA ALA A 9 8.19 4.03 13.13
C ALA A 9 8.10 4.25 11.61
N ASN A 10 7.93 3.15 10.81
CA ASN A 10 7.81 3.31 9.37
C ASN A 10 6.36 3.26 8.85
N SER A 11 5.35 2.91 9.71
CA SER A 11 3.99 2.80 9.19
C SER A 11 3.46 4.00 8.41
N THR A 12 3.61 5.22 8.95
CA THR A 12 3.06 6.40 8.27
C THR A 12 3.70 6.64 6.90
N VAL A 13 5.05 6.68 6.85
CA VAL A 13 5.71 7.01 5.60
C VAL A 13 5.45 5.95 4.51
N LEU A 14 5.44 4.65 4.93
CA LEU A 14 5.20 3.58 3.94
C LEU A 14 3.77 3.58 3.45
N SER A 15 2.80 3.93 4.34
CA SER A 15 1.41 4.01 3.91
C SER A 15 1.22 5.14 2.91
N PHE A 16 1.80 6.32 3.24
CA PHE A 16 1.71 7.48 2.37
C PHE A 16 2.28 7.18 0.97
N CYS A 17 3.50 6.59 0.93
CA CYS A 17 4.12 6.29 -0.36
C CYS A 17 3.45 5.13 -1.10
N ALA A 18 2.84 4.18 -0.37
CA ALA A 18 2.14 3.03 -0.98
C ALA A 18 0.90 3.45 -1.75
N PHE A 19 0.29 4.59 -1.38
CA PHE A 19 -0.89 5.09 -2.08
C PHE A 19 -0.58 6.19 -3.08
N ALA A 20 0.62 6.78 -3.04
CA ALA A 20 0.90 7.92 -3.93
C ALA A 20 0.92 7.62 -5.41
N VAL A 21 0.45 8.58 -6.27
CA VAL A 21 0.65 8.42 -7.72
C VAL A 21 2.18 8.43 -7.98
N ASP A 22 2.89 9.36 -7.34
CA ASP A 22 4.33 9.49 -7.53
C ASP A 22 5.02 9.24 -6.18
N ALA A 23 5.45 7.97 -5.96
CA ALA A 23 5.99 7.59 -4.66
C ALA A 23 7.28 8.28 -4.34
N ALA A 24 8.14 8.47 -5.34
CA ALA A 24 9.42 9.15 -5.08
C ALA A 24 9.19 10.60 -4.62
N LYS A 25 8.25 11.31 -5.30
CA LYS A 25 7.92 12.71 -4.91
C LYS A 25 7.29 12.74 -3.51
N ALA A 26 6.42 11.74 -3.21
CA ALA A 26 5.82 11.66 -1.90
C ALA A 26 6.85 11.48 -0.80
N TYR A 27 7.87 10.58 -1.03
CA TYR A 27 8.89 10.41 -0.02
C TYR A 27 9.68 11.74 0.19
N LYS A 28 10.05 12.41 -0.90
CA LYS A 28 10.77 13.70 -0.82
C LYS A 28 9.96 14.74 -0.08
N ASP A 29 8.66 14.79 -0.38
CA ASP A 29 7.77 15.75 0.32
C ASP A 29 7.58 15.44 1.77
N TYR A 30 7.50 14.15 2.13
CA TYR A 30 7.34 13.70 3.49
C TYR A 30 8.55 14.18 4.32
N LEU A 31 9.76 14.04 3.77
CA LEU A 31 10.97 14.46 4.47
C LEU A 31 10.95 15.99 4.59
N ALA A 32 10.59 16.70 3.52
CA ALA A 32 10.56 18.18 3.57
C ALA A 32 9.54 18.73 4.57
N SER A 33 8.46 17.98 4.89
CA SER A 33 7.50 18.39 5.90
C SER A 33 7.89 17.93 7.33
N GLY A 34 9.12 17.43 7.48
CA GLY A 34 9.64 17.06 8.78
C GLY A 34 9.54 15.61 9.20
N GLY A 35 9.18 14.74 8.27
CA GLY A 35 9.07 13.32 8.58
C GLY A 35 10.43 12.66 8.73
N GLN A 36 10.50 11.53 9.42
CA GLN A 36 11.75 10.79 9.60
C GLN A 36 12.01 9.88 8.37
N PRO A 37 13.29 9.71 8.01
CA PRO A 37 13.60 8.78 6.90
C PRO A 37 13.25 7.35 7.28
N ILE A 38 13.02 6.51 6.24
CA ILE A 38 12.72 5.10 6.47
C ILE A 38 13.88 4.40 7.22
N THR A 39 13.56 3.67 8.27
CA THR A 39 14.58 2.95 9.06
C THR A 39 14.41 1.44 8.83
N ASN A 40 15.08 0.57 9.63
CA ASN A 40 14.91 -0.87 9.48
C ASN A 40 15.48 -1.35 8.12
N CYS A 41 16.49 -0.63 7.58
CA CYS A 41 17.21 -1.08 6.38
C CYS A 41 18.18 -2.24 6.81
N VAL A 42 18.76 -2.92 5.82
CA VAL A 42 19.66 -4.03 6.06
C VAL A 42 21.07 -3.48 5.93
N LYS A 43 21.67 -3.10 7.06
CA LYS A 43 23.02 -2.52 7.07
C LYS A 43 23.98 -3.66 7.36
N MET A 44 25.07 -3.70 6.57
CA MET A 44 26.04 -4.76 6.69
C MET A 44 27.28 -4.43 7.52
N LEU A 45 27.85 -5.48 8.13
CA LEU A 45 29.16 -5.38 8.76
C LEU A 45 30.15 -5.83 7.71
N CYS A 46 31.21 -5.05 7.50
CA CYS A 46 32.17 -5.36 6.45
C CYS A 46 33.57 -4.86 6.85
N THR A 47 34.58 -5.07 6.02
CA THR A 47 35.95 -4.62 6.35
C THR A 47 36.28 -3.21 5.85
N HIS A 48 35.36 -2.53 5.14
CA HIS A 48 35.63 -1.19 4.61
C HIS A 48 36.93 -1.12 3.77
N THR A 49 37.24 -2.24 3.09
CA THR A 49 38.37 -2.29 2.13
C THR A 49 37.90 -2.70 0.76
N GLY A 50 36.64 -2.38 0.42
CA GLY A 50 36.08 -2.73 -0.86
C GLY A 50 36.39 -1.80 -2.00
N THR A 51 35.85 -2.12 -3.17
CA THR A 51 36.09 -1.32 -4.36
C THR A 51 35.44 0.06 -4.36
N GLY A 52 34.38 0.23 -3.57
CA GLY A 52 33.64 1.49 -3.56
C GLY A 52 32.61 1.62 -4.67
N GLN A 53 32.48 0.58 -5.55
CA GLN A 53 31.47 0.64 -6.60
C GLN A 53 30.07 0.69 -5.99
N ALA A 54 29.14 1.34 -6.69
CA ALA A 54 27.82 1.57 -6.14
C ALA A 54 26.98 0.33 -5.91
N ILE A 55 26.89 -0.58 -6.91
CA ILE A 55 26.01 -1.75 -6.85
C ILE A 55 26.80 -3.00 -7.13
N THR A 56 26.90 -3.88 -6.13
CA THR A 56 27.80 -5.03 -6.20
C THR A 56 27.22 -6.36 -5.70
N VAL A 57 27.90 -7.46 -6.02
CA VAL A 57 27.44 -8.80 -5.66
C VAL A 57 27.62 -9.09 -4.17
N THR A 58 28.70 -8.61 -3.61
CA THR A 58 29.01 -8.73 -2.19
C THR A 58 29.32 -7.33 -1.64
N PRO A 59 29.33 -7.13 -0.30
CA PRO A 59 29.60 -5.77 0.21
C PRO A 59 30.95 -5.24 -0.25
N GLU A 60 30.97 -4.01 -0.74
CA GLU A 60 32.18 -3.39 -1.30
C GLU A 60 32.45 -2.00 -0.76
N ALA A 61 31.96 -1.69 0.44
CA ALA A 61 32.19 -0.36 1.03
C ALA A 61 33.65 -0.07 1.18
N ASN A 62 34.02 1.13 0.79
CA ASN A 62 35.37 1.65 1.07
C ASN A 62 35.26 2.46 2.41
N MET A 63 36.33 3.18 2.84
CA MET A 63 36.28 3.88 4.13
C MET A 63 35.35 5.10 4.13
N ASP A 64 34.87 5.53 2.95
CA ASP A 64 33.94 6.65 2.88
C ASP A 64 32.48 6.17 2.81
N GLN A 65 32.22 4.84 2.91
CA GLN A 65 30.86 4.34 2.67
C GLN A 65 30.37 3.34 3.72
N GLU A 66 29.07 2.99 3.62
CA GLU A 66 28.48 1.85 4.32
C GLU A 66 27.86 0.94 3.26
N SER A 67 27.75 -0.37 3.55
CA SER A 67 27.11 -1.31 2.63
C SER A 67 25.76 -1.69 3.18
N PHE A 68 24.78 -1.74 2.28
CA PHE A 68 23.43 -2.18 2.65
C PHE A 68 22.93 -3.23 1.72
N GLY A 69 21.96 -4.03 2.20
CA GLY A 69 21.22 -4.92 1.31
C GLY A 69 20.39 -4.07 0.35
N GLY A 70 20.45 -4.38 -0.93
CA GLY A 70 19.87 -3.54 -1.98
C GLY A 70 18.37 -3.36 -1.94
N ALA A 71 17.60 -4.44 -1.73
CA ALA A 71 16.13 -4.28 -1.65
C ALA A 71 15.74 -3.31 -0.55
N SER A 72 16.50 -3.34 0.56
CA SER A 72 16.13 -2.52 1.71
C SER A 72 16.35 -1.02 1.51
N CYS A 73 17.08 -0.65 0.46
CA CYS A 73 17.32 0.75 0.11
C CYS A 73 16.49 1.21 -1.04
N CYS A 74 15.51 0.40 -1.48
CA CYS A 74 14.72 0.73 -2.65
C CYS A 74 13.32 1.06 -2.21
N LEU A 75 12.88 2.31 -2.46
CA LEU A 75 11.52 2.71 -2.03
C LEU A 75 10.44 1.79 -2.57
N TYR A 76 10.62 1.32 -3.83
CA TYR A 76 9.61 0.50 -4.46
C TYR A 76 9.54 -0.88 -3.84
N CYS A 77 10.69 -1.43 -3.44
CA CYS A 77 10.72 -2.71 -2.71
C CYS A 77 10.08 -2.52 -1.31
N ARG A 78 10.41 -1.41 -0.62
CA ARG A 78 9.94 -1.19 0.77
C ARG A 78 8.43 -0.99 0.86
N CYS A 79 7.84 -0.38 -0.20
CA CYS A 79 6.40 -0.12 -0.25
C CYS A 79 5.62 -1.21 -1.00
N HIS A 80 6.34 -2.14 -1.65
CA HIS A 80 5.75 -3.25 -2.39
C HIS A 80 4.90 -2.72 -3.54
N ILE A 81 5.45 -1.73 -4.25
CA ILE A 81 4.77 -1.07 -5.37
C ILE A 81 5.55 -1.27 -6.69
N ASP A 82 4.95 -0.84 -7.82
CA ASP A 82 5.60 -0.97 -9.11
C ASP A 82 6.90 -0.20 -9.19
N HIS A 83 7.90 -0.78 -9.89
CA HIS A 83 9.17 -0.11 -10.13
C HIS A 83 9.05 0.71 -11.41
N PRO A 84 9.78 1.83 -11.50
CA PRO A 84 9.73 2.66 -12.74
C PRO A 84 10.40 2.03 -13.98
N ASN A 85 11.26 1.01 -13.82
CA ASN A 85 11.95 0.36 -14.95
C ASN A 85 10.97 -0.09 -16.06
N PRO A 86 11.35 -0.11 -17.36
CA PRO A 86 10.38 -0.52 -18.40
C PRO A 86 9.69 -1.86 -18.13
N LYS A 87 10.47 -2.90 -17.80
CA LYS A 87 9.90 -4.22 -17.50
C LYS A 87 9.43 -4.39 -16.02
N GLY A 88 9.56 -3.34 -15.22
CA GLY A 88 9.11 -3.34 -13.83
C GLY A 88 9.96 -4.14 -12.86
N PHE A 89 11.21 -4.44 -13.22
CA PHE A 89 12.12 -5.20 -12.35
C PHE A 89 13.08 -4.25 -11.62
N CYS A 90 13.66 -4.70 -10.50
CA CYS A 90 14.52 -3.86 -9.68
C CYS A 90 16.00 -4.03 -9.97
N ASP A 91 16.75 -2.93 -9.98
CA ASP A 91 18.21 -3.00 -10.16
C ASP A 91 18.96 -3.08 -8.83
N LEU A 92 18.26 -2.93 -7.67
CA LEU A 92 18.96 -3.00 -6.36
C LEU A 92 18.72 -4.35 -5.64
N LYS A 93 17.49 -4.89 -5.73
CA LYS A 93 17.18 -6.17 -5.07
C LYS A 93 18.07 -7.28 -5.63
N GLY A 94 18.70 -8.03 -4.73
CA GLY A 94 19.63 -9.10 -5.07
C GLY A 94 21.08 -8.63 -5.16
N LYS A 95 21.34 -7.34 -4.89
CA LYS A 95 22.68 -6.76 -4.87
C LYS A 95 22.90 -6.07 -3.52
N TYR A 96 24.14 -5.65 -3.26
CA TYR A 96 24.48 -4.76 -2.16
C TYR A 96 24.68 -3.39 -2.73
N VAL A 97 24.31 -2.37 -1.97
CA VAL A 97 24.43 -1.00 -2.41
C VAL A 97 25.34 -0.26 -1.43
N GLN A 98 26.34 0.43 -1.98
CA GLN A 98 27.25 1.22 -1.15
C GLN A 98 26.74 2.66 -1.11
N ILE A 99 26.66 3.22 0.10
CA ILE A 99 26.11 4.55 0.29
C ILE A 99 27.14 5.41 1.02
N PRO A 100 27.43 6.63 0.56
CA PRO A 100 28.37 7.49 1.30
C PRO A 100 27.98 7.61 2.79
N THR A 101 28.96 7.52 3.69
N THR A 101 28.96 7.50 3.70
CA THR A 101 28.65 7.59 5.13
CA THR A 101 28.66 7.55 5.14
C THR A 101 27.90 8.85 5.51
C THR A 101 27.95 8.85 5.54
N THR A 102 28.16 9.95 4.80
CA THR A 102 27.49 11.23 5.07
C THR A 102 25.97 11.16 4.78
N CYS A 103 25.55 10.20 3.96
CA CYS A 103 24.16 10.02 3.57
C CYS A 103 23.51 8.75 4.15
N ALA A 104 24.24 7.98 4.98
CA ALA A 104 23.76 6.69 5.44
C ALA A 104 22.59 6.72 6.43
N ASN A 105 22.20 7.91 6.89
CA ASN A 105 21.01 8.04 7.74
C ASN A 105 19.73 7.89 6.87
N ASP A 106 19.84 8.05 5.54
CA ASP A 106 18.66 7.93 4.68
C ASP A 106 19.02 7.22 3.37
N PRO A 107 19.34 5.91 3.46
CA PRO A 107 19.73 5.17 2.24
C PRO A 107 18.63 5.15 1.17
N VAL A 108 17.34 5.05 1.60
CA VAL A 108 16.27 5.04 0.57
C VAL A 108 16.25 6.37 -0.22
N GLY A 109 16.36 7.49 0.50
CA GLY A 109 16.37 8.79 -0.14
C GLY A 109 17.59 8.97 -1.01
N PHE A 110 18.72 8.39 -0.57
CA PHE A 110 19.94 8.50 -1.37
C PHE A 110 19.78 7.83 -2.74
N THR A 111 19.26 6.58 -2.75
CA THR A 111 19.10 5.88 -4.04
C THR A 111 18.09 6.54 -4.93
N LEU A 112 17.07 7.20 -4.33
CA LEU A 112 16.05 7.87 -5.17
C LEU A 112 16.64 9.07 -5.88
N LYS A 113 17.55 9.80 -5.23
CA LYS A 113 18.07 11.06 -5.77
C LYS A 113 19.33 10.95 -6.59
N ASN A 114 20.00 9.80 -6.56
CA ASN A 114 21.30 9.68 -7.21
C ASN A 114 21.37 8.72 -8.37
N THR A 115 22.45 8.83 -9.18
CA THR A 115 22.64 8.04 -10.38
C THR A 115 24.01 7.37 -10.41
N VAL A 116 24.06 6.12 -10.89
CA VAL A 116 25.32 5.37 -11.00
C VAL A 116 25.89 5.62 -12.38
N CYS A 117 27.19 5.90 -12.44
CA CYS A 117 27.86 6.07 -13.72
C CYS A 117 27.99 4.70 -14.37
N THR A 118 27.60 4.57 -15.66
CA THR A 118 27.70 3.27 -16.34
C THR A 118 29.13 2.89 -16.75
N VAL A 119 30.00 3.88 -16.87
CA VAL A 119 31.38 3.63 -17.29
C VAL A 119 32.24 3.14 -16.14
N CYS A 120 32.24 3.84 -15.01
CA CYS A 120 33.12 3.48 -13.88
C CYS A 120 32.41 2.72 -12.74
N GLY A 121 31.09 2.65 -12.77
CA GLY A 121 30.35 1.94 -11.74
C GLY A 121 30.20 2.64 -10.39
N MET A 122 30.69 3.87 -10.27
CA MET A 122 30.57 4.63 -9.03
C MET A 122 29.46 5.70 -9.08
N TRP A 123 28.99 6.21 -7.89
CA TRP A 123 27.90 7.19 -7.91
C TRP A 123 28.37 8.52 -8.47
N LYS A 124 27.55 9.17 -9.31
CA LYS A 124 27.85 10.49 -9.86
C LYS A 124 27.89 11.50 -8.69
N GLY A 125 28.99 12.21 -8.55
CA GLY A 125 29.17 13.17 -7.47
C GLY A 125 29.66 12.58 -6.17
N TYR A 126 29.73 11.25 -6.06
CA TYR A 126 30.18 10.54 -4.85
C TYR A 126 31.13 9.40 -5.21
N GLY A 127 32.08 9.71 -6.09
CA GLY A 127 33.09 8.73 -6.47
C GLY A 127 33.38 8.64 -7.95
N CYS A 128 32.43 9.02 -8.83
CA CYS A 128 32.64 8.90 -10.27
C CYS A 128 33.92 9.58 -10.75
N SER A 129 34.78 8.79 -11.43
CA SER A 129 36.07 9.23 -11.96
C SER A 129 36.00 9.77 -13.40
N CYS A 130 34.78 9.85 -14.00
CA CYS A 130 34.65 10.30 -15.39
C CYS A 130 34.70 11.83 -15.58
N ASP A 131 33.88 12.58 -14.84
CA ASP A 131 33.85 14.04 -14.99
C ASP A 131 35.05 14.71 -14.32
N ASN B 4 9.22 -4.18 19.12
CA ASN B 4 8.05 -3.48 18.60
C ASN B 4 7.94 -3.68 17.07
N VAL B 5 6.88 -4.37 16.63
CA VAL B 5 6.63 -4.64 15.22
C VAL B 5 5.17 -4.23 14.84
N THR B 6 4.88 -4.13 13.54
CA THR B 6 3.53 -3.88 13.07
C THR B 6 3.09 -5.04 12.16
N GLY B 7 1.79 -5.17 11.94
CA GLY B 7 1.29 -6.15 11.00
C GLY B 7 1.32 -5.66 9.54
N LEU B 8 1.59 -4.36 9.32
CA LEU B 8 1.65 -3.82 7.96
C LEU B 8 2.82 -4.47 7.24
N PHE B 9 2.56 -5.04 6.05
CA PHE B 9 3.57 -5.70 5.25
C PHE B 9 4.10 -6.99 5.91
N LYS B 10 3.23 -7.62 6.75
CA LYS B 10 3.61 -8.93 7.33
C LYS B 10 3.80 -9.94 6.21
N ASP B 11 4.84 -10.79 6.33
CA ASP B 11 5.08 -11.83 5.34
C ASP B 11 4.19 -12.99 5.71
N CYS B 12 3.26 -13.31 4.84
CA CYS B 12 2.28 -14.37 5.07
C CYS B 12 2.66 -15.69 4.43
N SER B 13 3.86 -15.83 3.90
CA SER B 13 4.27 -17.10 3.28
C SER B 13 4.42 -18.17 4.37
N LYS B 14 4.71 -19.37 3.86
N LYS B 14 4.57 -19.42 3.93
CA LYS B 14 4.96 -20.49 4.79
CA LYS B 14 4.84 -20.51 4.88
C LYS B 14 6.42 -20.89 4.56
C LYS B 14 6.32 -20.93 4.82
N VAL B 15 7.22 -19.98 3.99
N VAL B 15 7.22 -20.10 4.24
CA VAL B 15 8.67 -20.27 3.78
CA VAL B 15 8.65 -20.39 4.17
C VAL B 15 9.30 -20.44 5.16
C VAL B 15 9.20 -20.28 5.58
N ILE B 16 10.02 -21.54 5.37
N ILE B 16 9.91 -21.31 6.08
CA ILE B 16 10.55 -21.89 6.72
CA ILE B 16 10.40 -21.36 7.44
C ILE B 16 11.77 -21.05 7.10
C ILE B 16 11.47 -20.32 7.74
N THR B 17 12.11 -20.05 6.28
N THR B 17 12.33 -20.09 6.78
CA THR B 17 13.31 -19.22 6.55
CA THR B 17 13.44 -19.15 6.93
C THR B 17 13.04 -17.74 6.29
C THR B 17 13.11 -17.73 6.43
N GLY B 18 14.00 -16.90 6.68
N GLY B 18 13.95 -16.78 6.83
CA GLY B 18 13.91 -15.47 6.33
CA GLY B 18 13.90 -15.40 6.38
C GLY B 18 14.62 -15.25 5.01
C GLY B 18 14.64 -15.25 5.05
N LEU B 19 14.90 -14.01 4.65
CA LEU B 19 15.51 -13.75 3.36
C LEU B 19 17.03 -13.50 3.42
N HIS B 20 17.68 -13.63 2.26
CA HIS B 20 19.08 -13.29 2.08
C HIS B 20 19.21 -11.76 2.31
N PRO B 21 20.33 -11.26 2.86
CA PRO B 21 20.46 -9.80 3.07
C PRO B 21 20.20 -8.92 1.83
N THR B 22 20.50 -9.41 0.60
CA THR B 22 20.28 -8.57 -0.58
C THR B 22 18.81 -8.54 -1.04
N GLN B 23 18.00 -9.48 -0.54
CA GLN B 23 16.61 -9.65 -1.00
C GLN B 23 15.57 -9.24 0.05
N ALA B 24 15.96 -9.26 1.33
CA ALA B 24 15.04 -8.87 2.40
C ALA B 24 14.67 -7.39 2.28
N PRO B 25 13.39 -7.00 2.34
CA PRO B 25 13.07 -5.56 2.31
C PRO B 25 13.56 -4.85 3.58
N THR B 26 13.73 -5.59 4.70
CA THR B 26 14.05 -4.99 5.98
C THR B 26 14.98 -5.85 6.82
N HIS B 27 15.61 -5.23 7.83
CA HIS B 27 16.47 -5.99 8.76
C HIS B 27 15.65 -7.09 9.47
N LEU B 28 14.42 -6.78 9.92
CA LEU B 28 13.59 -7.82 10.57
C LEU B 28 13.42 -9.05 9.69
N SER B 29 13.23 -8.86 8.36
CA SER B 29 12.96 -9.99 7.48
C SER B 29 14.21 -10.76 7.04
N VAL B 30 15.43 -10.29 7.37
CA VAL B 30 16.65 -11.08 7.04
C VAL B 30 16.62 -12.36 7.91
N ASP B 31 17.05 -13.50 7.37
CA ASP B 31 17.11 -14.73 8.18
C ASP B 31 18.08 -14.56 9.33
N THR B 32 17.78 -15.06 10.60
N THR B 32 17.77 -15.19 10.45
CA THR B 32 18.62 -14.88 11.79
CA THR B 32 18.58 -15.13 11.66
C THR B 32 20.04 -15.38 11.60
C THR B 32 20.04 -15.53 11.42
N LYS B 33 20.29 -16.46 10.49
CA LYS B 33 21.66 -16.95 10.21
C LYS B 33 22.63 -15.84 9.83
N PHE B 34 22.11 -14.73 9.28
CA PHE B 34 22.99 -13.61 8.86
C PHE B 34 23.16 -12.54 9.93
N LYS B 35 22.49 -12.65 11.09
CA LYS B 35 22.50 -11.58 12.08
C LYS B 35 23.54 -11.75 13.14
N THR B 36 24.40 -10.76 13.29
CA THR B 36 25.44 -10.81 14.31
C THR B 36 25.90 -9.40 14.65
N GLU B 37 26.34 -9.17 15.89
CA GLU B 37 26.91 -7.89 16.28
C GLU B 37 26.05 -6.67 15.91
N GLY B 38 24.73 -6.82 16.10
CA GLY B 38 23.78 -5.73 15.90
C GLY B 38 23.36 -5.51 14.46
N LEU B 39 24.07 -6.09 13.51
CA LEU B 39 23.77 -5.89 12.07
C LEU B 39 23.71 -7.23 11.32
N CYS B 40 23.98 -7.23 9.99
CA CYS B 40 23.94 -8.45 9.18
C CYS B 40 25.31 -8.63 8.52
N VAL B 41 25.62 -9.87 8.17
CA VAL B 41 26.84 -10.18 7.43
C VAL B 41 26.50 -10.97 6.18
N ASP B 42 27.30 -10.78 5.14
CA ASP B 42 27.21 -11.60 3.95
C ASP B 42 28.05 -12.82 4.31
N ILE B 43 27.52 -13.99 4.00
CA ILE B 43 28.22 -15.22 4.29
C ILE B 43 28.60 -15.87 2.99
N PRO B 44 29.91 -15.96 2.69
CA PRO B 44 30.33 -16.65 1.44
C PRO B 44 29.78 -18.05 1.37
N GLY B 45 29.27 -18.42 0.20
CA GLY B 45 28.72 -19.75 0.00
C GLY B 45 27.25 -19.91 0.33
N ILE B 46 26.61 -18.85 0.89
CA ILE B 46 25.17 -18.92 1.22
C ILE B 46 24.47 -18.10 0.15
N PRO B 47 23.77 -18.76 -0.78
CA PRO B 47 23.25 -18.03 -1.92
C PRO B 47 21.93 -17.31 -1.68
N LYS B 48 21.60 -16.42 -2.60
CA LYS B 48 20.28 -15.79 -2.65
C LYS B 48 19.29 -16.87 -3.13
N ASP B 49 17.98 -16.63 -2.87
CA ASP B 49 16.89 -17.54 -3.27
C ASP B 49 16.29 -16.97 -4.53
N MET B 50 16.40 -17.70 -5.65
CA MET B 50 15.92 -17.16 -6.91
C MET B 50 14.54 -17.60 -7.37
N THR B 51 13.74 -18.28 -6.52
CA THR B 51 12.40 -18.71 -6.95
C THR B 51 11.23 -18.42 -5.99
N TYR B 52 11.44 -17.58 -4.98
CA TYR B 52 10.40 -17.38 -3.98
C TYR B 52 9.23 -16.53 -4.43
N ARG B 53 8.08 -16.78 -3.78
CA ARG B 53 6.85 -16.00 -3.92
C ARG B 53 6.32 -15.82 -2.50
N ARG B 54 6.44 -14.58 -1.97
CA ARG B 54 6.05 -14.33 -0.60
C ARG B 54 4.89 -13.30 -0.52
N LEU B 55 3.71 -13.76 -0.09
CA LEU B 55 2.55 -12.85 0.01
C LEU B 55 2.78 -11.85 1.13
N ILE B 56 2.60 -10.54 0.81
CA ILE B 56 2.82 -9.44 1.78
C ILE B 56 1.48 -8.83 2.12
N SER B 57 1.16 -8.79 3.42
CA SER B 57 -0.14 -8.30 3.87
C SER B 57 -0.27 -6.78 3.74
N MET B 58 -1.44 -6.33 3.23
CA MET B 58 -1.73 -4.90 3.15
C MET B 58 -2.70 -4.46 4.25
N MET B 59 -2.76 -5.21 5.37
CA MET B 59 -3.60 -4.84 6.50
C MET B 59 -2.77 -3.98 7.45
N GLY B 60 -3.30 -2.82 7.84
CA GLY B 60 -2.62 -1.99 8.83
C GLY B 60 -2.09 -0.65 8.36
N PHE B 61 -2.68 -0.12 7.26
CA PHE B 61 -2.22 1.20 6.78
C PHE B 61 -2.55 2.29 7.80
N LYS B 62 -1.72 3.31 7.85
CA LYS B 62 -1.90 4.43 8.82
C LYS B 62 -1.80 5.70 8.03
N MET B 63 -2.94 6.38 7.78
CA MET B 63 -2.94 7.56 6.94
C MET B 63 -2.93 8.81 7.79
N ASN B 64 -2.01 8.87 8.74
CA ASN B 64 -1.92 10.00 9.69
C ASN B 64 -0.77 10.94 9.40
N TYR B 65 -0.32 10.99 8.16
CA TYR B 65 0.73 11.93 7.78
C TYR B 65 0.15 13.35 7.71
N GLN B 66 1.06 14.36 7.73
CA GLN B 66 0.70 15.76 7.62
C GLN B 66 1.77 16.32 6.73
N VAL B 67 1.50 16.33 5.41
CA VAL B 67 2.45 16.73 4.38
C VAL B 67 1.90 17.88 3.62
N ASN B 68 2.66 18.98 3.57
CA ASN B 68 2.19 20.18 2.88
C ASN B 68 1.67 19.93 1.46
N GLY B 69 0.43 20.36 1.19
CA GLY B 69 -0.12 20.25 -0.14
C GLY B 69 -0.86 18.96 -0.43
N TYR B 70 -0.79 18.00 0.48
CA TYR B 70 -1.54 16.75 0.32
C TYR B 70 -2.74 16.83 1.30
N PRO B 71 -3.96 16.64 0.79
CA PRO B 71 -5.13 16.75 1.67
C PRO B 71 -5.24 15.59 2.67
N ASN B 72 -5.97 15.82 3.76
CA ASN B 72 -6.25 14.75 4.72
C ASN B 72 -7.26 13.78 4.03
N MET B 73 -7.08 12.46 4.15
CA MET B 73 -8.05 11.48 3.61
C MET B 73 -9.23 11.38 4.59
N PHE B 74 -8.93 11.22 5.88
CA PHE B 74 -9.98 11.11 6.89
C PHE B 74 -10.36 12.50 7.34
N ILE B 75 -11.67 12.80 7.36
CA ILE B 75 -12.13 14.15 7.69
C ILE B 75 -13.00 14.16 8.95
N THR B 76 -13.25 15.36 9.52
CA THR B 76 -14.04 15.47 10.72
C THR B 76 -15.53 15.30 10.42
N ARG B 77 -16.33 15.05 11.47
CA ARG B 77 -17.77 14.96 11.31
C ARG B 77 -18.34 16.28 10.72
N GLU B 78 -17.82 17.44 11.19
CA GLU B 78 -18.28 18.73 10.68
C GLU B 78 -18.01 18.90 9.19
N GLU B 79 -16.78 18.55 8.73
CA GLU B 79 -16.48 18.65 7.30
C GLU B 79 -17.35 17.66 6.51
N ALA B 80 -17.53 16.43 7.05
CA ALA B 80 -18.36 15.43 6.34
C ALA B 80 -19.78 15.92 6.17
N ILE B 81 -20.34 16.56 7.22
CA ILE B 81 -21.72 17.07 7.14
C ILE B 81 -21.86 18.08 6.01
N ARG B 82 -20.90 19.01 5.86
CA ARG B 82 -20.98 20.00 4.77
C ARG B 82 -21.01 19.32 3.39
N HIS B 83 -20.40 18.12 3.30
CA HIS B 83 -20.29 17.39 2.03
C HIS B 83 -21.20 16.17 2.01
N VAL B 84 -22.37 16.24 2.63
CA VAL B 84 -23.30 15.11 2.63
C VAL B 84 -23.66 14.64 1.19
N ARG B 85 -23.69 15.58 0.22
CA ARG B 85 -24.01 15.14 -1.16
C ARG B 85 -22.93 14.25 -1.77
N ALA B 86 -21.73 14.26 -1.20
CA ALA B 86 -20.63 13.42 -1.68
C ALA B 86 -20.59 12.07 -0.96
N TRP B 87 -21.50 11.80 0.00
CA TRP B 87 -21.43 10.55 0.78
C TRP B 87 -21.76 9.30 0.02
N ILE B 88 -20.83 8.33 0.04
CA ILE B 88 -21.05 7.03 -0.56
C ILE B 88 -20.68 6.04 0.53
N GLY B 89 -21.64 5.26 1.03
CA GLY B 89 -21.32 4.20 1.98
C GLY B 89 -20.48 3.14 1.26
N PHE B 90 -19.53 2.54 1.95
CA PHE B 90 -18.66 1.54 1.36
C PHE B 90 -18.32 0.46 2.38
N ASP B 91 -18.46 -0.79 1.94
CA ASP B 91 -18.13 -1.94 2.76
C ASP B 91 -17.52 -3.01 1.88
N VAL B 92 -16.59 -3.79 2.45
CA VAL B 92 -15.97 -4.88 1.67
C VAL B 92 -16.03 -6.17 2.46
N GLU B 93 -16.46 -7.24 1.81
CA GLU B 93 -16.40 -8.57 2.39
C GLU B 93 -15.15 -9.25 1.81
N GLY B 94 -14.31 -9.80 2.66
CA GLY B 94 -13.07 -10.41 2.21
C GLY B 94 -13.06 -11.92 2.18
N CYS B 95 -12.02 -12.47 1.56
CA CYS B 95 -11.70 -13.88 1.59
C CYS B 95 -10.29 -14.02 2.18
N HIS B 96 -9.95 -15.20 2.65
CA HIS B 96 -8.70 -15.43 3.37
C HIS B 96 -7.65 -16.05 2.52
N ALA B 97 -6.41 -15.63 2.66
CA ALA B 97 -5.31 -16.32 1.97
C ALA B 97 -5.22 -17.78 2.45
N THR B 98 -4.91 -18.69 1.53
CA THR B 98 -4.79 -20.09 1.89
C THR B 98 -3.67 -20.75 1.11
N ARG B 99 -3.32 -21.99 1.48
CA ARG B 99 -2.33 -22.80 0.72
C ARG B 99 -0.90 -22.24 0.81
N GLU B 100 -0.46 -21.54 -0.23
CA GLU B 100 0.91 -21.01 -0.25
C GLU B 100 1.13 -19.85 0.73
N ALA B 101 0.05 -19.34 1.34
CA ALA B 101 0.11 -18.24 2.29
C ALA B 101 -1.04 -18.32 3.29
N VAL B 102 -0.87 -17.73 4.45
CA VAL B 102 -1.90 -17.64 5.49
C VAL B 102 -1.62 -16.42 6.35
N GLY B 103 -2.69 -15.73 6.73
CA GLY B 103 -2.65 -14.60 7.64
C GLY B 103 -3.09 -13.23 7.13
N THR B 104 -3.78 -13.18 5.99
CA THR B 104 -4.25 -11.89 5.47
C THR B 104 -5.58 -12.06 4.72
N ASN B 105 -6.29 -10.95 4.60
CA ASN B 105 -7.63 -10.85 4.01
C ASN B 105 -7.47 -10.15 2.65
N LEU B 106 -8.16 -10.67 1.64
CA LEU B 106 -8.14 -10.11 0.28
C LEU B 106 -9.55 -9.64 -0.08
N PRO B 107 -9.71 -8.49 -0.76
CA PRO B 107 -11.08 -8.04 -1.13
C PRO B 107 -11.79 -9.03 -2.03
N LEU B 108 -13.07 -9.32 -1.75
CA LEU B 108 -13.83 -10.24 -2.58
C LEU B 108 -15.07 -9.49 -3.10
N GLN B 109 -15.94 -8.97 -2.19
CA GLN B 109 -17.15 -8.28 -2.64
C GLN B 109 -17.11 -6.85 -2.14
N LEU B 110 -17.09 -5.91 -3.07
CA LEU B 110 -17.04 -4.50 -2.76
C LEU B 110 -18.42 -3.92 -2.95
N GLY B 111 -19.00 -3.41 -1.88
CA GLY B 111 -20.38 -2.90 -1.90
C GLY B 111 -20.51 -1.44 -1.60
N PHE B 112 -21.45 -0.77 -2.27
CA PHE B 112 -21.61 0.67 -2.14
C PHE B 112 -23.07 1.03 -1.86
N SER B 113 -23.31 2.24 -1.29
CA SER B 113 -24.68 2.68 -0.98
C SER B 113 -25.53 2.95 -2.21
N THR B 114 -24.92 2.89 -3.41
CA THR B 114 -25.68 2.97 -4.66
C THR B 114 -26.40 1.63 -4.94
N GLY B 115 -26.13 0.58 -4.15
CA GLY B 115 -26.70 -0.74 -4.36
C GLY B 115 -25.81 -1.64 -5.20
N VAL B 116 -24.68 -1.12 -5.71
CA VAL B 116 -23.76 -1.89 -6.55
C VAL B 116 -22.87 -2.77 -5.70
N ASN B 117 -22.73 -4.03 -6.10
CA ASN B 117 -21.75 -4.97 -5.57
C ASN B 117 -20.86 -5.35 -6.73
N LEU B 118 -19.54 -5.25 -6.53
CA LEU B 118 -18.58 -5.69 -7.53
C LEU B 118 -17.78 -6.81 -6.94
N VAL B 119 -17.50 -7.86 -7.74
CA VAL B 119 -16.75 -9.02 -7.21
C VAL B 119 -15.37 -9.09 -7.87
N ALA B 120 -14.31 -9.19 -7.03
CA ALA B 120 -12.96 -9.24 -7.58
C ALA B 120 -12.38 -10.62 -7.48
N VAL B 121 -11.46 -10.95 -8.42
CA VAL B 121 -10.67 -12.17 -8.28
C VAL B 121 -9.78 -11.96 -7.02
N PRO B 122 -9.62 -12.96 -6.16
CA PRO B 122 -8.76 -12.80 -4.97
C PRO B 122 -7.32 -12.49 -5.41
N THR B 123 -6.83 -11.27 -5.11
CA THR B 123 -5.54 -10.81 -5.62
C THR B 123 -4.73 -10.22 -4.47
N GLY B 124 -3.43 -10.51 -4.47
CA GLY B 124 -2.53 -10.03 -3.44
C GLY B 124 -1.21 -9.52 -3.99
N TYR B 125 -0.39 -9.00 -3.08
CA TYR B 125 0.90 -8.42 -3.42
C TYR B 125 1.97 -9.43 -3.07
N VAL B 126 2.55 -10.07 -4.08
CA VAL B 126 3.50 -11.15 -3.84
C VAL B 126 4.91 -10.73 -4.14
N ASP B 127 5.78 -10.67 -3.13
CA ASP B 127 7.16 -10.31 -3.35
C ASP B 127 7.91 -11.47 -4.03
N THR B 128 8.75 -11.12 -4.99
CA THR B 128 9.55 -12.11 -5.69
C THR B 128 11.01 -11.64 -5.67
N PRO B 129 11.93 -12.41 -6.25
CA PRO B 129 13.33 -11.93 -6.30
C PRO B 129 13.53 -10.67 -7.16
N ASN B 130 12.53 -10.27 -8.00
CA ASN B 130 12.72 -9.17 -8.93
C ASN B 130 11.82 -7.98 -8.75
N ASN B 131 10.69 -8.16 -8.05
CA ASN B 131 9.70 -7.08 -7.92
C ASN B 131 8.60 -7.54 -6.96
N THR B 132 7.50 -6.77 -6.93
CA THR B 132 6.27 -7.21 -6.25
C THR B 132 5.29 -7.53 -7.39
N ASP B 133 4.79 -8.75 -7.42
CA ASP B 133 3.84 -9.22 -8.41
C ASP B 133 2.39 -9.12 -7.88
N PHE B 134 1.62 -8.19 -8.45
CA PHE B 134 0.21 -8.03 -8.05
C PHE B 134 -0.52 -9.10 -8.83
N SER B 135 -0.94 -10.15 -8.13
CA SER B 135 -1.44 -11.33 -8.82
C SER B 135 -2.50 -12.10 -8.08
N ARG B 136 -3.23 -12.96 -8.83
CA ARG B 136 -4.21 -13.85 -8.21
C ARG B 136 -3.50 -14.78 -7.20
N VAL B 137 -4.13 -14.98 -6.05
CA VAL B 137 -3.58 -15.83 -5.01
C VAL B 137 -4.66 -16.81 -4.54
N SER B 138 -4.23 -17.96 -4.01
CA SER B 138 -5.17 -18.94 -3.45
C SER B 138 -5.94 -18.32 -2.28
N ALA B 139 -7.27 -18.54 -2.27
CA ALA B 139 -8.08 -17.98 -1.21
C ALA B 139 -9.33 -18.80 -0.94
N LYS B 140 -9.93 -18.59 0.23
CA LYS B 140 -11.22 -19.21 0.51
C LYS B 140 -12.05 -18.26 1.36
N PRO B 141 -13.39 -18.32 1.25
CA PRO B 141 -14.21 -17.48 2.12
C PRO B 141 -14.03 -17.94 3.58
N PRO B 142 -14.28 -17.05 4.56
CA PRO B 142 -14.16 -17.50 5.95
C PRO B 142 -15.22 -18.57 6.26
N PRO B 143 -14.92 -19.51 7.18
CA PRO B 143 -15.92 -20.54 7.52
C PRO B 143 -17.03 -19.98 8.41
N GLY B 144 -18.20 -20.60 8.36
CA GLY B 144 -19.34 -20.14 9.14
C GLY B 144 -20.55 -19.87 8.26
N ASP B 145 -21.76 -20.11 8.81
CA ASP B 145 -23.01 -19.92 8.06
C ASP B 145 -23.27 -18.45 7.69
N GLN B 146 -22.72 -17.51 8.48
CA GLN B 146 -22.89 -16.09 8.17
C GLN B 146 -22.11 -15.66 6.91
N PHE B 147 -21.11 -16.47 6.48
CA PHE B 147 -20.27 -16.21 5.31
C PHE B 147 -20.53 -17.16 4.13
N LYS B 148 -21.52 -18.08 4.24
CA LYS B 148 -21.81 -19.04 3.17
C LYS B 148 -22.17 -18.39 1.82
N HIS B 149 -22.79 -17.20 1.84
CA HIS B 149 -23.17 -16.52 0.60
C HIS B 149 -21.95 -16.11 -0.26
N LEU B 150 -20.75 -16.06 0.33
CA LEU B 150 -19.53 -15.70 -0.41
C LEU B 150 -18.98 -16.87 -1.24
N ILE B 151 -19.39 -18.11 -0.95
CA ILE B 151 -18.87 -19.27 -1.67
C ILE B 151 -18.98 -19.15 -3.22
N PRO B 152 -20.16 -18.86 -3.81
CA PRO B 152 -20.24 -18.75 -5.27
C PRO B 152 -19.42 -17.59 -5.87
N LEU B 153 -19.15 -16.57 -5.05
CA LEU B 153 -18.38 -15.42 -5.51
C LEU B 153 -16.92 -15.74 -5.79
N MET B 154 -16.36 -16.79 -5.18
CA MET B 154 -14.98 -17.18 -5.46
C MET B 154 -14.73 -17.49 -6.94
N TYR B 155 -15.78 -17.78 -7.75
CA TYR B 155 -15.55 -18.06 -9.17
C TYR B 155 -16.26 -17.07 -10.12
N LYS B 156 -16.77 -15.93 -9.58
CA LYS B 156 -17.42 -14.90 -10.39
C LYS B 156 -16.61 -13.57 -10.41
N GLY B 157 -15.38 -13.59 -9.90
CA GLY B 157 -14.59 -12.37 -9.82
C GLY B 157 -14.10 -11.84 -11.13
N LEU B 158 -13.95 -10.53 -11.20
CA LEU B 158 -13.37 -9.84 -12.33
C LEU B 158 -11.92 -9.43 -11.97
N PRO B 159 -11.02 -9.33 -12.95
CA PRO B 159 -9.65 -8.90 -12.64
C PRO B 159 -9.69 -7.45 -12.09
N TRP B 160 -8.74 -7.11 -11.21
CA TRP B 160 -8.76 -5.79 -10.61
C TRP B 160 -8.65 -4.64 -11.61
N ASN B 161 -7.96 -4.87 -12.76
CA ASN B 161 -7.89 -3.78 -13.74
C ASN B 161 -9.30 -3.44 -14.30
N VAL B 162 -10.23 -4.43 -14.26
CA VAL B 162 -11.60 -4.19 -14.71
C VAL B 162 -12.42 -3.58 -13.56
N VAL B 163 -12.26 -4.14 -12.34
CA VAL B 163 -13.02 -3.67 -11.18
C VAL B 163 -12.78 -2.19 -10.92
N ARG B 164 -11.48 -1.74 -10.96
CA ARG B 164 -11.24 -0.33 -10.62
C ARG B 164 -11.85 0.62 -11.68
N ILE B 165 -11.83 0.26 -12.97
CA ILE B 165 -12.53 1.05 -13.97
C ILE B 165 -14.03 1.17 -13.64
N LYS B 166 -14.64 0.04 -13.24
CA LYS B 166 -16.08 0.06 -12.91
C LYS B 166 -16.37 0.91 -11.68
N ILE B 167 -15.44 0.92 -10.69
CA ILE B 167 -15.66 1.78 -9.51
C ILE B 167 -15.62 3.24 -9.92
N VAL B 168 -14.63 3.64 -10.71
CA VAL B 168 -14.53 5.03 -11.12
C VAL B 168 -15.78 5.44 -11.93
N GLN B 169 -16.25 4.54 -12.82
CA GLN B 169 -17.40 4.88 -13.66
C GLN B 169 -18.65 5.08 -12.78
N MET B 170 -18.86 4.17 -11.81
CA MET B 170 -20.01 4.23 -10.93
C MET B 170 -19.99 5.50 -10.09
N LEU B 171 -18.82 5.80 -9.47
CA LEU B 171 -18.71 7.03 -8.69
C LEU B 171 -18.95 8.27 -9.54
N SER B 172 -18.38 8.29 -10.77
CA SER B 172 -18.49 9.47 -11.64
C SER B 172 -19.95 9.68 -12.06
N ASP B 173 -20.63 8.60 -12.42
CA ASP B 173 -22.05 8.68 -12.82
C ASP B 173 -22.92 9.16 -11.68
N THR B 174 -22.65 8.68 -10.47
CA THR B 174 -23.45 9.05 -9.30
C THR B 174 -23.19 10.49 -8.81
N LEU B 175 -21.92 10.91 -8.80
CA LEU B 175 -21.53 12.17 -8.17
C LEU B 175 -21.32 13.40 -9.06
N LYS B 176 -21.25 13.23 -10.39
CA LYS B 176 -20.87 14.36 -11.23
C LYS B 176 -21.77 15.58 -11.09
N ASN B 177 -23.06 15.37 -10.83
CA ASN B 177 -23.97 16.52 -10.63
C ASN B 177 -24.29 16.80 -9.15
N LEU B 178 -23.57 16.13 -8.22
CA LEU B 178 -23.81 16.28 -6.79
C LEU B 178 -22.64 16.91 -6.03
N SER B 179 -21.39 16.62 -6.42
CA SER B 179 -20.25 17.10 -5.66
C SER B 179 -18.96 17.14 -6.48
N ASP B 180 -17.96 17.90 -5.97
CA ASP B 180 -16.65 17.93 -6.58
C ASP B 180 -15.73 16.85 -5.92
N ARG B 181 -16.28 15.97 -5.06
CA ARG B 181 -15.45 14.99 -4.36
C ARG B 181 -16.26 13.75 -4.05
N VAL B 182 -15.62 12.78 -3.35
CA VAL B 182 -16.35 11.65 -2.77
C VAL B 182 -15.95 11.60 -1.30
N VAL B 183 -16.93 11.26 -0.44
CA VAL B 183 -16.63 11.01 0.96
C VAL B 183 -17.13 9.57 1.20
N PHE B 184 -16.21 8.62 1.36
CA PHE B 184 -16.62 7.24 1.67
C PHE B 184 -17.02 7.19 3.13
N VAL B 185 -18.24 6.70 3.38
CA VAL B 185 -18.77 6.56 4.73
C VAL B 185 -18.58 5.13 5.18
N LEU B 186 -17.74 4.94 6.20
CA LEU B 186 -17.31 3.61 6.59
C LEU B 186 -17.75 3.25 8.02
N TRP B 187 -17.72 1.95 8.34
CA TRP B 187 -17.95 1.47 9.71
C TRP B 187 -16.81 0.47 9.99
N ALA B 188 -15.86 0.75 10.94
CA ALA B 188 -14.70 -0.11 11.26
C ALA B 188 -13.84 -0.19 10.00
N HIS B 189 -13.14 0.91 9.70
CA HIS B 189 -12.50 1.18 8.40
C HIS B 189 -11.28 0.40 7.96
N GLY B 190 -10.62 -0.34 8.85
CA GLY B 190 -9.37 -1.02 8.51
C GLY B 190 -9.35 -1.75 7.17
N PHE B 191 -10.30 -2.68 6.99
CA PHE B 191 -10.31 -3.46 5.74
C PHE B 191 -10.77 -2.65 4.53
N GLU B 192 -11.61 -1.61 4.77
CA GLU B 192 -12.00 -0.75 3.65
C GLU B 192 -10.75 0.02 3.18
N LEU B 193 -9.91 0.48 4.13
CA LEU B 193 -8.69 1.19 3.75
C LEU B 193 -7.71 0.26 3.03
N THR B 194 -7.58 -1.01 3.48
CA THR B 194 -6.77 -2.00 2.77
C THR B 194 -7.31 -2.19 1.32
N SER B 195 -8.65 -2.25 1.18
CA SER B 195 -9.24 -2.43 -0.15
C SER B 195 -9.00 -1.22 -1.05
N MET B 196 -8.99 0.00 -0.44
CA MET B 196 -8.71 1.20 -1.24
C MET B 196 -7.32 1.16 -1.89
N LYS B 197 -6.34 0.44 -1.28
CA LYS B 197 -5.01 0.32 -1.89
C LYS B 197 -5.14 -0.17 -3.37
N TYR B 198 -6.19 -0.99 -3.64
CA TYR B 198 -6.39 -1.59 -4.94
C TYR B 198 -6.99 -0.62 -5.98
N PHE B 199 -7.52 0.54 -5.54
CA PHE B 199 -8.18 1.43 -6.53
C PHE B 199 -8.11 2.93 -6.25
N VAL B 200 -7.29 3.34 -5.28
CA VAL B 200 -7.15 4.75 -4.91
C VAL B 200 -5.70 5.16 -5.05
N LYS B 201 -5.47 6.37 -5.58
CA LYS B 201 -4.16 7.01 -5.56
C LYS B 201 -4.30 8.39 -4.89
N ILE B 202 -3.22 8.89 -4.32
CA ILE B 202 -3.22 10.19 -3.64
C ILE B 202 -2.07 11.05 -4.16
N GLY B 203 -2.19 12.35 -3.86
CA GLY B 203 -1.14 13.29 -4.20
C GLY B 203 -1.63 14.68 -3.86
N PRO B 204 -0.90 15.68 -4.33
CA PRO B 204 -1.36 17.06 -4.12
C PRO B 204 -2.71 17.30 -4.83
N GLU B 205 -3.50 18.29 -4.35
CA GLU B 205 -4.73 18.65 -5.04
C GLU B 205 -4.40 19.10 -6.47
N ARG B 206 -5.11 18.56 -7.44
N ARG B 206 -5.11 18.56 -7.44
CA ARG B 206 -4.90 18.87 -8.86
CA ARG B 206 -4.90 18.86 -8.86
C ARG B 206 -6.21 19.35 -9.47
C ARG B 206 -6.21 19.35 -9.47
N THR B 207 -6.15 19.91 -10.68
CA THR B 207 -7.36 20.29 -11.41
C THR B 207 -7.45 19.27 -12.54
N CYS B 208 -8.64 19.12 -13.08
CA CYS B 208 -8.96 18.25 -14.20
C CYS B 208 -8.15 18.62 -15.50
N CYS B 209 -8.04 17.66 -16.46
CA CYS B 209 -7.36 17.83 -17.76
C CYS B 209 -8.24 18.52 -18.82
N LEU B 210 -9.51 18.86 -18.47
CA LEU B 210 -10.46 19.44 -19.40
C LEU B 210 -11.29 20.60 -18.80
N CYS B 211 -11.02 21.00 -17.53
CA CYS B 211 -11.74 22.09 -16.86
C CYS B 211 -11.05 22.54 -15.57
N ASP B 212 -11.63 23.54 -14.89
CA ASP B 212 -11.11 24.10 -13.65
C ASP B 212 -11.51 23.31 -12.39
N ARG B 213 -12.34 22.26 -12.54
CA ARG B 213 -12.81 21.49 -11.40
C ARG B 213 -11.68 20.68 -10.79
N ARG B 214 -11.73 20.41 -9.48
CA ARG B 214 -10.69 19.58 -8.87
C ARG B 214 -10.72 18.15 -9.46
N ALA B 215 -9.56 17.53 -9.49
CA ALA B 215 -9.43 16.18 -10.03
C ALA B 215 -9.90 15.20 -8.95
N THR B 216 -10.72 14.24 -9.39
CA THR B 216 -11.28 13.18 -8.55
C THR B 216 -10.84 11.78 -9.05
N CYS B 217 -10.21 11.72 -10.25
CA CYS B 217 -9.81 10.47 -10.91
C CYS B 217 -8.40 10.64 -11.51
N PHE B 218 -7.73 9.48 -11.69
CA PHE B 218 -6.41 9.43 -12.27
C PHE B 218 -6.37 8.29 -13.28
N SER B 219 -5.62 8.51 -14.38
CA SER B 219 -5.46 7.49 -15.40
C SER B 219 -4.01 7.02 -15.48
N THR B 220 -3.77 5.71 -15.28
CA THR B 220 -2.43 5.17 -15.49
C THR B 220 -2.09 5.09 -17.00
N ALA B 221 -3.07 5.23 -17.90
CA ALA B 221 -2.79 5.15 -19.35
C ALA B 221 -2.03 6.36 -19.85
N SER B 222 -2.36 7.54 -19.34
CA SER B 222 -1.75 8.77 -19.77
C SER B 222 -1.12 9.61 -18.67
N ASP B 223 -1.19 9.14 -17.39
CA ASP B 223 -0.72 9.91 -16.24
C ASP B 223 -1.42 11.28 -16.20
N THR B 224 -2.74 11.27 -16.42
CA THR B 224 -3.55 12.48 -16.40
C THR B 224 -4.62 12.40 -15.30
N TYR B 225 -5.22 13.57 -14.99
CA TYR B 225 -6.19 13.77 -13.93
C TYR B 225 -7.49 14.27 -14.48
N ALA B 226 -8.61 13.81 -13.91
CA ALA B 226 -9.93 14.24 -14.36
C ALA B 226 -10.90 14.42 -13.22
N CYS B 227 -11.91 15.28 -13.43
CA CYS B 227 -13.03 15.43 -12.51
C CYS B 227 -14.07 14.30 -12.84
N TRP B 228 -15.21 14.25 -12.11
CA TRP B 228 -16.22 13.22 -12.38
C TRP B 228 -16.87 13.34 -13.78
N HIS B 229 -16.85 14.54 -14.37
CA HIS B 229 -17.43 14.74 -15.71
C HIS B 229 -16.56 14.21 -16.83
N HIS B 230 -15.21 14.26 -16.65
CA HIS B 230 -14.30 13.92 -17.75
C HIS B 230 -13.47 12.66 -17.51
N SER B 231 -13.96 11.75 -16.66
CA SER B 231 -13.18 10.58 -16.28
C SER B 231 -13.42 9.32 -17.05
N ILE B 232 -14.11 9.38 -18.22
CA ILE B 232 -14.37 8.14 -18.94
C ILE B 232 -13.06 7.37 -19.27
N GLY B 233 -13.03 6.09 -18.93
CA GLY B 233 -11.85 5.24 -19.11
C GLY B 233 -10.80 5.32 -18.01
N PHE B 234 -10.96 6.25 -17.04
CA PHE B 234 -9.97 6.39 -15.94
C PHE B 234 -10.05 5.19 -15.00
N ASP B 235 -8.87 4.77 -14.45
CA ASP B 235 -8.84 3.56 -13.64
C ASP B 235 -8.68 3.75 -12.13
N TYR B 236 -8.28 4.93 -11.67
CA TYR B 236 -8.12 5.14 -10.21
C TYR B 236 -8.94 6.32 -9.64
N VAL B 237 -9.43 6.14 -8.40
CA VAL B 237 -10.05 7.23 -7.65
C VAL B 237 -8.89 8.05 -7.06
N TYR B 238 -8.90 9.35 -7.22
CA TYR B 238 -7.79 10.22 -6.79
C TYR B 238 -8.23 11.13 -5.64
N ASN B 239 -7.46 11.15 -4.55
CA ASN B 239 -7.78 11.99 -3.40
C ASN B 239 -9.24 11.92 -2.92
N PRO B 240 -9.73 10.71 -2.65
CA PRO B 240 -11.04 10.60 -2.01
C PRO B 240 -10.93 11.04 -0.53
N PHE B 241 -12.09 11.31 0.08
CA PHE B 241 -12.18 11.59 1.51
C PHE B 241 -12.98 10.46 2.15
N MET B 242 -12.90 10.36 3.48
CA MET B 242 -13.57 9.28 4.18
C MET B 242 -13.78 9.58 5.65
N ILE B 243 -14.75 8.88 6.25
CA ILE B 243 -15.00 9.05 7.67
C ILE B 243 -15.47 7.71 8.23
N ASP B 244 -15.05 7.38 9.45
CA ASP B 244 -15.47 6.11 10.07
C ASP B 244 -16.54 6.45 11.14
N VAL B 245 -17.79 6.13 10.85
CA VAL B 245 -18.97 6.40 11.66
C VAL B 245 -18.88 5.70 13.03
N GLN B 246 -18.24 4.52 13.06
CA GLN B 246 -18.08 3.80 14.33
C GLN B 246 -17.34 4.63 15.38
N GLN B 247 -16.45 5.54 14.94
CA GLN B 247 -15.70 6.39 15.88
C GLN B 247 -16.54 7.53 16.49
N TRP B 248 -17.85 7.59 16.18
CA TRP B 248 -18.71 8.65 16.73
C TRP B 248 -19.35 8.31 18.08
N GLY B 249 -18.97 7.19 18.70
CA GLY B 249 -19.48 6.85 20.03
C GLY B 249 -20.47 5.71 20.12
N PHE B 250 -20.75 5.05 19.00
CA PHE B 250 -21.67 3.92 18.98
C PHE B 250 -21.07 2.69 19.63
N THR B 251 -21.90 1.91 20.33
CA THR B 251 -21.45 0.63 20.90
C THR B 251 -22.21 -0.46 20.17
N GLY B 252 -21.61 -1.64 20.05
CA GLY B 252 -22.28 -2.74 19.36
C GLY B 252 -22.11 -2.67 17.86
N ASN B 253 -22.75 -3.59 17.15
CA ASN B 253 -22.56 -3.73 15.72
C ASN B 253 -23.28 -2.66 14.88
N LEU B 254 -22.97 -2.61 13.58
CA LEU B 254 -23.58 -1.66 12.65
C LEU B 254 -25.09 -1.78 12.64
N GLN B 255 -25.60 -3.00 12.46
CA GLN B 255 -27.04 -3.18 12.35
C GLN B 255 -27.83 -2.68 13.56
N SER B 256 -27.33 -2.93 14.79
CA SER B 256 -28.06 -2.51 16.00
C SER B 256 -28.15 -0.99 16.11
N ASN B 257 -27.12 -0.28 15.64
CA ASN B 257 -27.14 1.18 15.69
C ASN B 257 -27.99 1.74 14.56
N HIS B 258 -27.87 1.16 13.34
CA HIS B 258 -28.70 1.56 12.20
C HIS B 258 -30.21 1.42 12.56
N ASP B 259 -30.58 0.28 13.16
CA ASP B 259 -31.97 -0.01 13.50
C ASP B 259 -32.57 0.92 14.57
N LEU B 260 -31.75 1.68 15.32
CA LEU B 260 -32.26 2.65 16.29
C LEU B 260 -33.05 3.76 15.57
N TYR B 261 -32.63 4.15 14.36
CA TYR B 261 -33.30 5.24 13.63
C TYR B 261 -34.11 4.79 12.43
N CYS B 262 -33.81 3.61 11.87
CA CYS B 262 -34.41 3.19 10.61
C CYS B 262 -34.95 1.78 10.63
N GLN B 263 -36.04 1.57 9.89
CA GLN B 263 -36.68 0.27 9.75
C GLN B 263 -36.84 -0.17 8.28
N VAL B 264 -36.65 0.74 7.31
CA VAL B 264 -36.83 0.42 5.89
C VAL B 264 -35.66 -0.36 5.27
N HIS B 265 -34.52 -0.47 5.96
CA HIS B 265 -33.37 -1.21 5.42
C HIS B 265 -33.16 -2.50 6.19
N GLY B 266 -33.84 -3.57 5.77
CA GLY B 266 -33.67 -4.88 6.37
C GLY B 266 -32.30 -5.45 5.99
N ASN B 267 -31.66 -6.19 6.89
CA ASN B 267 -30.34 -6.75 6.62
C ASN B 267 -30.39 -7.91 5.64
N ALA B 268 -29.96 -7.67 4.39
CA ALA B 268 -29.91 -8.75 3.41
C ALA B 268 -28.57 -9.51 3.39
N HIS B 269 -27.63 -9.16 4.32
CA HIS B 269 -26.32 -9.81 4.51
C HIS B 269 -25.43 -9.82 3.25
N VAL B 270 -25.12 -8.62 2.71
CA VAL B 270 -24.32 -8.41 1.50
C VAL B 270 -23.52 -7.11 1.68
N ALA B 271 -22.35 -6.97 1.02
CA ALA B 271 -21.54 -5.74 1.15
C ALA B 271 -22.35 -4.46 0.86
N SER B 272 -23.16 -4.46 -0.21
CA SER B 272 -23.96 -3.25 -0.54
C SER B 272 -24.93 -2.91 0.55
N CYS B 273 -25.50 -3.93 1.20
N CYS B 273 -25.53 -3.94 1.21
CA CYS B 273 -26.44 -3.74 2.29
CA CYS B 273 -26.46 -3.67 2.31
C CYS B 273 -25.78 -3.09 3.51
C CYS B 273 -25.76 -3.02 3.49
N ASP B 274 -24.55 -3.49 3.86
CA ASP B 274 -23.80 -2.85 4.95
C ASP B 274 -23.44 -1.40 4.57
N ALA B 275 -23.05 -1.19 3.31
CA ALA B 275 -22.74 0.15 2.83
C ALA B 275 -23.99 1.08 2.87
N ILE B 276 -25.18 0.56 2.50
CA ILE B 276 -26.42 1.35 2.57
C ILE B 276 -26.75 1.67 4.04
N MET B 277 -26.64 0.67 4.94
CA MET B 277 -26.92 0.91 6.37
C MET B 277 -25.95 1.91 6.99
N THR B 278 -24.67 1.89 6.56
CA THR B 278 -23.68 2.80 7.14
C THR B 278 -24.00 4.23 6.74
N ARG B 279 -24.31 4.46 5.45
CA ARG B 279 -24.66 5.82 5.02
C ARG B 279 -25.95 6.27 5.68
N CYS B 280 -26.93 5.37 5.77
CA CYS B 280 -28.22 5.68 6.36
C CYS B 280 -28.08 6.07 7.83
N LEU B 281 -27.29 5.32 8.58
CA LEU B 281 -27.07 5.64 9.99
C LEU B 281 -26.40 7.02 10.14
N ALA B 282 -25.39 7.31 9.32
CA ALA B 282 -24.73 8.61 9.39
C ALA B 282 -25.73 9.75 9.06
N VAL B 283 -26.61 9.54 8.06
CA VAL B 283 -27.57 10.58 7.69
C VAL B 283 -28.55 10.81 8.85
N HIS B 284 -29.08 9.73 9.45
CA HIS B 284 -30.03 9.91 10.57
C HIS B 284 -29.37 10.60 11.76
N GLU B 285 -28.12 10.22 12.05
CA GLU B 285 -27.41 10.82 13.18
C GLU B 285 -27.11 12.31 12.97
N CYS B 286 -26.80 12.72 11.71
CA CYS B 286 -26.42 14.13 11.48
C CYS B 286 -27.54 15.07 11.07
N PHE B 287 -28.62 14.55 10.49
CA PHE B 287 -29.62 15.43 9.88
C PHE B 287 -31.05 15.28 10.36
N VAL B 288 -31.37 14.20 11.07
CA VAL B 288 -32.73 13.97 11.51
C VAL B 288 -32.96 14.41 12.96
N LYS B 289 -33.98 15.28 13.16
CA LYS B 289 -34.42 15.83 14.46
C LYS B 289 -33.40 16.73 15.13
#